data_5YLE
#
_entry.id   5YLE
#
_cell.length_a   51.860
_cell.length_b   73.270
_cell.length_c   82.810
_cell.angle_alpha   90.00
_cell.angle_beta   90.00
_cell.angle_gamma   90.00
#
_symmetry.space_group_name_H-M   'P 21 21 21'
#
loop_
_entity.id
_entity.type
_entity.pdbx_description
1 polymer 'Probable phosphatidylethanolamine transferase Mcr-1'
2 non-polymer ETHANOLAMINE
3 non-polymer 'ZINC ION'
4 water water
#
_entity_poly.entity_id   1
_entity_poly.type   'polypeptide(L)'
_entity_poly.pdbx_seq_one_letter_code
;PKDTIYHAKDAVQATKPDMRKPRLVVFVVGETARADHVSFNGYERDTFPQLAKIDGVTNFSNVTSCGTS(TPO)AYSVPC
MFSYLGADEYDVDTAKYQENVLDTLDRLGVSILWRDNNSDSKGVMDKLPKAQFADYKSATNNAICNTNPYNECRDVGMLV
GLDDFVAANNGKDMLIMLHQMGNHGPAYFKRYDEKFAKFTPVCEGNELAKCEHQSLINAYDNALLATDDFIAQSIQWLQT
HSNAYDVSMLYVSDHGESLGENGVYLHGMPNAFAPKEQRSVPAFFWTDKQTGITPMATDTVLTHDAITPTLLKLFDVTAD
KVKDRTAFIRLEHHHHHH
;
_entity_poly.pdbx_strand_id   A
#
loop_
_chem_comp.id
_chem_comp.type
_chem_comp.name
_chem_comp.formula
ZN non-polymer 'ZINC ION' 'Zn 2'
#
# COMPACT_ATOMS: atom_id res chain seq x y z
N PRO A 1 -23.24 16.47 -7.56
CA PRO A 1 -22.84 15.92 -6.25
C PRO A 1 -23.99 15.22 -5.52
N LYS A 2 -23.68 14.15 -4.81
CA LYS A 2 -24.65 13.42 -4.01
C LYS A 2 -24.30 13.55 -2.54
N ASP A 3 -25.29 13.27 -1.69
CA ASP A 3 -25.05 13.27 -0.26
C ASP A 3 -24.20 12.07 0.13
N THR A 4 -23.48 12.22 1.24
CA THR A 4 -22.55 11.21 1.71
C THR A 4 -23.26 10.25 2.65
N ILE A 5 -23.10 8.94 2.40
CA ILE A 5 -23.56 7.92 3.33
C ILE A 5 -22.50 7.73 4.41
N TYR A 6 -22.91 7.83 5.67
CA TYR A 6 -21.99 7.76 6.79
C TYR A 6 -21.90 6.35 7.35
N HIS A 7 -20.76 6.04 7.94
CA HIS A 7 -20.53 4.73 8.53
C HIS A 7 -19.81 4.75 9.87
N ALA A 8 -19.15 5.85 10.24
CA ALA A 8 -18.34 5.88 11.46
C ALA A 8 -18.45 7.24 12.15
N LYS A 9 -19.67 7.79 12.21
CA LYS A 9 -19.85 9.05 12.93
C LYS A 9 -19.63 8.88 14.42
N ASP A 10 -19.67 7.65 14.92
CA ASP A 10 -19.35 7.34 16.32
C ASP A 10 -17.86 7.32 16.60
N ALA A 11 -17.03 7.42 15.56
CA ALA A 11 -15.59 7.19 15.73
C ALA A 11 -14.98 8.24 16.63
N VAL A 12 -14.13 7.79 17.56
N VAL A 12 -14.05 7.80 17.48
CA VAL A 12 -13.42 8.69 18.46
CA VAL A 12 -13.43 8.64 18.49
C VAL A 12 -11.96 8.27 18.52
C VAL A 12 -11.95 8.26 18.61
N GLN A 13 -11.09 9.26 18.69
CA GLN A 13 -9.67 9.04 18.91
C GLN A 13 -9.41 9.06 20.41
N ALA A 14 -8.82 7.99 20.94
CA ALA A 14 -8.72 7.84 22.39
C ALA A 14 -7.64 8.73 22.99
N THR A 15 -6.61 9.09 22.21
CA THR A 15 -5.52 9.92 22.70
C THR A 15 -5.20 11.00 21.68
N LYS A 16 -4.75 12.15 22.17
CA LYS A 16 -4.40 13.24 21.27
C LYS A 16 -2.88 13.40 21.18
N PRO A 17 -2.38 13.89 20.03
CA PRO A 17 -0.92 13.95 19.83
C PRO A 17 -0.19 14.95 20.71
N ASP A 18 -0.88 15.71 21.56
CA ASP A 18 -0.20 16.59 22.50
C ASP A 18 -0.01 15.93 23.87
N MET A 19 -0.62 14.76 24.10
CA MET A 19 -0.44 14.02 25.34
C MET A 19 0.41 12.78 25.16
N ARG A 20 0.76 12.41 23.94
CA ARG A 20 1.67 11.31 23.67
C ARG A 20 2.40 11.63 22.37
N LYS A 21 3.36 10.77 22.02
CA LYS A 21 4.12 10.99 20.80
C LYS A 21 3.17 11.03 19.60
N PRO A 22 3.26 12.04 18.75
CA PRO A 22 2.47 12.02 17.51
C PRO A 22 2.90 10.85 16.64
N ARG A 23 1.98 10.41 15.78
CA ARG A 23 2.17 9.19 15.02
C ARG A 23 2.25 9.52 13.53
N LEU A 24 3.19 8.88 12.85
CA LEU A 24 3.48 9.12 11.44
C LEU A 24 3.52 7.79 10.72
N VAL A 25 2.60 7.57 9.80
CA VAL A 25 2.45 6.30 9.11
C VAL A 25 2.52 6.53 7.61
N VAL A 26 3.24 5.64 6.92
CA VAL A 26 3.26 5.58 5.46
C VAL A 26 2.53 4.31 5.04
N PHE A 27 1.52 4.47 4.19
CA PHE A 27 0.76 3.37 3.60
C PHE A 27 1.17 3.31 2.13
N VAL A 28 2.01 2.34 1.79
CA VAL A 28 2.37 2.10 0.39
C VAL A 28 1.27 1.26 -0.24
N VAL A 29 0.54 1.84 -1.19
CA VAL A 29 -0.50 1.13 -1.91
C VAL A 29 0.16 0.47 -3.11
N GLY A 30 0.35 -0.84 -3.06
CA GLY A 30 1.07 -1.57 -4.07
C GLY A 30 0.28 -1.74 -5.35
N GLU A 31 0.93 -2.38 -6.33
CA GLU A 31 0.37 -2.51 -7.67
C GLU A 31 0.91 -3.77 -8.32
N THR A 32 0.02 -4.73 -8.60
CA THR A 32 0.30 -5.88 -9.46
C THR A 32 1.33 -6.84 -8.86
N ALA A 33 1.56 -6.80 -7.55
CA ALA A 33 2.55 -7.66 -6.93
C ALA A 33 1.91 -8.98 -6.48
N ARG A 34 2.56 -10.10 -6.81
CA ARG A 34 2.09 -11.43 -6.45
C ARG A 34 2.72 -11.91 -5.15
N ALA A 35 1.90 -12.54 -4.31
CA ALA A 35 2.41 -13.05 -3.04
C ALA A 35 3.44 -14.16 -3.25
N ASP A 36 3.21 -15.03 -4.24
CA ASP A 36 4.08 -16.18 -4.43
C ASP A 36 5.40 -15.84 -5.09
N HIS A 37 5.61 -14.59 -5.50
CA HIS A 37 6.92 -14.13 -5.95
C HIS A 37 7.68 -13.40 -4.86
N VAL A 38 7.21 -13.48 -3.61
CA VAL A 38 7.88 -12.89 -2.47
C VAL A 38 8.76 -13.94 -1.82
N SER A 39 10.03 -13.61 -1.60
CA SER A 39 10.97 -14.50 -0.95
C SER A 39 10.43 -15.04 0.37
N PHE A 40 9.84 -14.16 1.19
CA PHE A 40 9.36 -14.56 2.50
C PHE A 40 8.24 -15.59 2.42
N ASN A 41 7.53 -15.67 1.29
CA ASN A 41 6.45 -16.62 1.12
C ASN A 41 6.90 -17.92 0.45
N GLY A 42 8.21 -18.12 0.26
CA GLY A 42 8.73 -19.35 -0.29
C GLY A 42 9.27 -19.26 -1.70
N TYR A 43 9.25 -18.08 -2.32
CA TYR A 43 9.79 -17.94 -3.67
C TYR A 43 11.29 -18.19 -3.66
N GLU A 44 11.78 -18.97 -4.64
CA GLU A 44 13.20 -19.32 -4.68
C GLU A 44 14.09 -18.09 -4.69
N ARG A 45 13.75 -17.10 -5.49
CA ARG A 45 14.62 -15.94 -5.68
C ARG A 45 14.45 -14.95 -4.55
N ASP A 46 15.56 -14.30 -4.21
CA ASP A 46 15.55 -13.26 -3.18
C ASP A 46 15.07 -11.96 -3.82
N THR A 47 13.74 -11.78 -3.85
CA THR A 47 13.13 -10.60 -4.43
C THR A 47 12.98 -9.45 -3.44
N PHE A 48 13.22 -9.69 -2.16
CA PHE A 48 13.15 -8.61 -1.15
C PHE A 48 14.38 -8.67 -0.24
N PRO A 49 15.58 -8.53 -0.80
CA PRO A 49 16.79 -8.58 0.05
C PRO A 49 16.90 -7.41 1.00
N GLN A 50 16.42 -6.22 0.62
CA GLN A 50 16.58 -5.06 1.49
C GLN A 50 15.61 -5.11 2.67
N LEU A 51 14.38 -5.58 2.45
CA LEU A 51 13.47 -5.75 3.59
C LEU A 51 13.94 -6.86 4.52
N ALA A 52 14.68 -7.84 4.00
CA ALA A 52 15.17 -8.92 4.85
C ALA A 52 16.18 -8.43 5.89
N LYS A 53 16.82 -7.30 5.65
CA LYS A 53 17.82 -6.78 6.57
C LYS A 53 17.25 -5.87 7.66
N ILE A 54 15.97 -5.56 7.60
CA ILE A 54 15.34 -4.62 8.53
C ILE A 54 14.62 -5.39 9.61
N ASP A 55 14.94 -5.09 10.87
CA ASP A 55 14.24 -5.71 11.99
C ASP A 55 12.84 -5.11 12.13
N GLY A 56 11.90 -5.94 12.57
CA GLY A 56 10.55 -5.47 12.81
C GLY A 56 9.65 -5.48 11.60
N VAL A 57 10.06 -6.08 10.49
CA VAL A 57 9.19 -6.24 9.33
C VAL A 57 8.44 -7.56 9.48
N THR A 58 7.11 -7.50 9.41
CA THR A 58 6.29 -8.69 9.41
C THR A 58 5.74 -8.92 8.01
N ASN A 59 5.94 -10.13 7.50
CA ASN A 59 5.40 -10.55 6.22
C ASN A 59 4.15 -11.39 6.46
N PHE A 60 3.10 -11.12 5.70
CA PHE A 60 1.82 -11.83 5.84
C PHE A 60 1.62 -12.72 4.62
N SER A 61 1.48 -14.02 4.86
CA SER A 61 1.55 -15.03 3.81
C SER A 61 0.17 -15.45 3.29
N ASN A 62 -0.93 -14.93 3.84
CA ASN A 62 -2.27 -15.33 3.41
C ASN A 62 -3.15 -14.09 3.30
N VAL A 63 -2.86 -13.25 2.31
CA VAL A 63 -3.64 -12.04 2.06
C VAL A 63 -4.27 -12.16 0.68
N THR A 64 -5.59 -12.03 0.63
CA THR A 64 -6.35 -12.13 -0.61
C THR A 64 -6.98 -10.77 -0.90
N SER A 65 -6.68 -10.21 -2.07
CA SER A 65 -7.27 -8.94 -2.44
C SER A 65 -8.78 -9.08 -2.67
N CYS A 66 -9.49 -7.98 -2.49
CA CYS A 66 -10.94 -7.99 -2.73
C CYS A 66 -11.26 -8.10 -4.21
N GLY A 67 -10.38 -7.59 -5.08
CA GLY A 67 -10.63 -7.57 -6.50
C GLY A 67 -9.36 -7.75 -7.28
N THR A 68 -9.48 -7.65 -8.61
CA THR A 68 -8.37 -7.89 -9.53
C THR A 68 -7.97 -6.66 -10.32
N SER A 69 -8.52 -5.49 -10.01
CA SER A 69 -8.18 -4.29 -10.74
C SER A 69 -7.94 -3.13 -9.78
N TPO A 70 -7.40 -2.04 -10.32
CA TPO A 70 -7.08 -0.87 -9.52
CB TPO A 70 -6.13 0.04 -10.28
CG2 TPO A 70 -5.65 1.13 -9.33
OG1 TPO A 70 -5.01 -0.73 -10.70
P TPO A 70 -5.04 -1.10 -12.27
O1P TPO A 70 -3.76 -2.03 -12.55
O2P TPO A 70 -6.28 -1.83 -12.62
O3P TPO A 70 -4.95 0.23 -13.18
C TPO A 70 -8.35 -0.12 -9.14
O TPO A 70 -8.55 0.25 -7.98
N ALA A 71 -9.24 0.06 -10.11
CA ALA A 71 -10.49 0.79 -9.91
C ALA A 71 -11.40 0.11 -8.92
N TYR A 72 -11.36 -1.23 -8.88
CA TYR A 72 -12.22 -1.97 -7.97
C TYR A 72 -11.59 -2.10 -6.58
N SER A 73 -10.31 -2.45 -6.52
CA SER A 73 -9.70 -2.79 -5.23
C SER A 73 -9.42 -1.55 -4.37
N VAL A 74 -8.88 -0.49 -4.97
CA VAL A 74 -8.43 0.66 -4.18
C VAL A 74 -9.53 1.28 -3.34
N PRO A 75 -10.72 1.56 -3.89
CA PRO A 75 -11.78 2.10 -3.01
C PRO A 75 -12.17 1.14 -1.89
N CYS A 76 -12.19 -0.16 -2.18
CA CYS A 76 -12.58 -1.13 -1.16
C CYS A 76 -11.53 -1.25 -0.08
N MET A 77 -10.26 -1.01 -0.41
CA MET A 77 -9.20 -1.09 0.60
C MET A 77 -9.39 -0.04 1.69
N PHE A 78 -10.02 1.09 1.37
CA PHE A 78 -10.25 2.17 2.32
C PHE A 78 -11.71 2.25 2.78
N SER A 79 -12.51 1.24 2.50
N SER A 79 -12.51 1.23 2.51
CA SER A 79 -13.95 1.32 2.74
CA SER A 79 -13.94 1.28 2.73
C SER A 79 -14.30 0.78 4.12
C SER A 79 -14.32 0.74 4.10
N TYR A 80 -15.53 1.11 4.55
CA TYR A 80 -16.10 0.57 5.77
C TYR A 80 -17.01 -0.61 5.50
N LEU A 81 -17.51 -0.76 4.28
CA LEU A 81 -18.48 -1.81 3.98
C LEU A 81 -17.84 -3.19 3.96
N GLY A 82 -16.58 -3.28 3.60
CA GLY A 82 -15.97 -4.56 3.34
C GLY A 82 -16.37 -5.11 1.98
N ALA A 83 -15.61 -6.10 1.52
CA ALA A 83 -15.78 -6.57 0.15
C ALA A 83 -17.13 -7.25 -0.06
N ASP A 84 -17.69 -7.87 0.98
CA ASP A 84 -18.95 -8.59 0.81
C ASP A 84 -20.12 -7.64 0.55
N GLU A 85 -20.05 -6.41 1.05
CA GLU A 85 -21.08 -5.41 0.80
C GLU A 85 -20.60 -4.28 -0.11
N TYR A 86 -19.39 -4.39 -0.64
CA TYR A 86 -18.79 -3.33 -1.42
C TYR A 86 -19.48 -3.18 -2.78
N ASP A 87 -19.68 -1.92 -3.20
N ASP A 87 -19.69 -1.92 -3.19
CA ASP A 87 -20.25 -1.60 -4.50
CA ASP A 87 -20.24 -1.59 -4.50
C ASP A 87 -19.37 -0.52 -5.13
C ASP A 87 -19.34 -0.53 -5.11
N VAL A 88 -18.63 -0.89 -6.19
CA VAL A 88 -17.67 0.03 -6.79
C VAL A 88 -18.35 1.27 -7.35
N ASP A 89 -19.61 1.15 -7.75
CA ASP A 89 -20.30 2.29 -8.37
C ASP A 89 -20.79 3.32 -7.36
N THR A 90 -20.84 2.97 -6.06
CA THR A 90 -21.28 3.91 -5.03
C THR A 90 -20.23 4.15 -3.96
N ALA A 91 -19.02 3.62 -4.13
CA ALA A 91 -17.99 3.78 -3.11
C ALA A 91 -17.63 5.24 -2.90
N LYS A 92 -17.63 6.03 -3.98
CA LYS A 92 -17.22 7.43 -3.91
C LYS A 92 -18.06 8.22 -2.92
N TYR A 93 -19.30 7.80 -2.68
CA TYR A 93 -20.24 8.55 -1.86
C TYR A 93 -20.34 8.06 -0.43
N GLN A 94 -19.62 7.00 -0.06
CA GLN A 94 -19.57 6.54 1.31
C GLN A 94 -18.44 7.27 2.05
N GLU A 95 -18.67 7.58 3.31
CA GLU A 95 -17.57 7.96 4.19
C GLU A 95 -16.55 6.81 4.21
N ASN A 96 -15.29 7.12 3.97
CA ASN A 96 -14.23 6.13 3.99
C ASN A 96 -13.31 6.40 5.16
N VAL A 97 -12.31 5.53 5.33
CA VAL A 97 -11.47 5.60 6.53
C VAL A 97 -10.64 6.87 6.54
N LEU A 98 -10.27 7.39 5.37
CA LEU A 98 -9.53 8.65 5.32
C LEU A 98 -10.40 9.83 5.70
N ASP A 99 -11.69 9.78 5.34
CA ASP A 99 -12.63 10.79 5.81
C ASP A 99 -12.65 10.84 7.33
N THR A 100 -12.75 9.67 7.96
CA THR A 100 -12.81 9.59 9.41
C THR A 100 -11.55 10.14 10.04
N LEU A 101 -10.39 9.66 9.58
CA LEU A 101 -9.11 10.11 10.15
C LEU A 101 -8.93 11.61 9.98
N ASP A 102 -9.22 12.14 8.78
CA ASP A 102 -9.10 13.57 8.55
C ASP A 102 -10.03 14.36 9.47
N ARG A 103 -11.27 13.86 9.63
N ARG A 103 -11.27 13.87 9.63
CA ARG A 103 -12.24 14.55 10.48
CA ARG A 103 -12.22 14.57 10.48
C ARG A 103 -11.76 14.61 11.92
C ARG A 103 -11.78 14.61 11.94
N LEU A 104 -11.09 13.56 12.39
CA LEU A 104 -10.61 13.49 13.76
C LEU A 104 -9.25 14.18 13.97
N GLY A 105 -8.70 14.83 12.94
CA GLY A 105 -7.52 15.65 13.11
C GLY A 105 -6.24 15.12 12.50
N VAL A 106 -6.26 13.93 11.92
CA VAL A 106 -5.06 13.37 11.31
C VAL A 106 -4.84 14.03 9.96
N SER A 107 -3.59 14.45 9.70
N SER A 107 -3.59 14.45 9.70
CA SER A 107 -3.24 15.08 8.44
CA SER A 107 -3.24 15.08 8.44
C SER A 107 -3.00 14.01 7.38
C SER A 107 -3.00 14.01 7.38
N ILE A 108 -3.77 14.08 6.29
CA ILE A 108 -3.74 13.07 5.24
C ILE A 108 -3.02 13.63 4.02
N LEU A 109 -2.08 12.87 3.48
CA LEU A 109 -1.40 13.20 2.24
C LEU A 109 -1.45 11.98 1.31
N TRP A 110 -1.76 12.22 0.04
CA TRP A 110 -1.82 11.15 -0.97
C TRP A 110 -0.96 11.58 -2.16
N ARG A 111 0.18 10.91 -2.34
CA ARG A 111 1.01 11.08 -3.51
C ARG A 111 0.83 9.86 -4.43
N ASP A 112 0.66 10.12 -5.73
CA ASP A 112 0.23 9.09 -6.65
C ASP A 112 1.17 9.03 -7.85
N ASN A 113 1.81 7.86 -8.04
CA ASN A 113 2.62 7.57 -9.21
C ASN A 113 2.00 6.43 -10.00
N ASN A 114 0.68 6.33 -9.96
CA ASN A 114 -0.03 5.19 -10.52
C ASN A 114 -1.12 5.67 -11.47
N SER A 115 -2.08 6.42 -10.91
CA SER A 115 -3.22 6.95 -11.66
C SER A 115 -3.85 8.04 -10.81
N ASP A 116 -4.76 7.65 -9.92
CA ASP A 116 -5.28 8.55 -8.89
C ASP A 116 -5.81 7.68 -7.76
N SER A 117 -6.46 8.32 -6.78
CA SER A 117 -6.96 7.61 -5.61
C SER A 117 -8.26 6.88 -5.85
N LYS A 118 -8.75 6.84 -7.09
CA LYS A 118 -9.98 6.15 -7.45
C LYS A 118 -11.15 6.62 -6.58
N GLY A 119 -11.18 7.93 -6.30
CA GLY A 119 -12.25 8.53 -5.55
C GLY A 119 -12.04 8.63 -4.05
N VAL A 120 -11.01 7.97 -3.50
CA VAL A 120 -10.87 7.90 -2.05
C VAL A 120 -10.60 9.27 -1.43
N MET A 121 -9.93 10.16 -2.17
CA MET A 121 -9.56 11.48 -1.65
C MET A 121 -10.54 12.58 -2.06
N ASP A 122 -11.67 12.23 -2.71
CA ASP A 122 -12.48 13.25 -3.37
C ASP A 122 -13.11 14.23 -2.40
N LYS A 123 -13.39 13.81 -1.16
CA LYS A 123 -14.04 14.70 -0.20
C LYS A 123 -13.06 15.60 0.55
N LEU A 124 -11.77 15.27 0.53
CA LEU A 124 -10.74 16.03 1.19
C LEU A 124 -10.24 17.14 0.28
N PRO A 125 -9.63 18.21 0.83
CA PRO A 125 -9.17 19.32 -0.01
C PRO A 125 -8.20 18.84 -1.09
N LYS A 126 -8.25 19.46 -2.27
CA LYS A 126 -7.43 18.96 -3.38
C LYS A 126 -5.95 19.01 -3.09
N ALA A 127 -5.53 19.98 -2.28
CA ALA A 127 -4.11 20.16 -2.04
C ALA A 127 -3.49 18.95 -1.38
N GLN A 128 -4.29 18.07 -0.79
CA GLN A 128 -3.77 16.90 -0.10
C GLN A 128 -3.60 15.70 -1.04
N PHE A 129 -3.91 15.85 -2.32
CA PHE A 129 -3.57 14.88 -3.35
C PHE A 129 -2.54 15.52 -4.28
N ALA A 130 -1.53 14.75 -4.66
CA ALA A 130 -0.47 15.25 -5.53
C ALA A 130 -0.14 14.21 -6.58
N ASP A 131 -0.13 14.63 -7.85
CA ASP A 131 0.15 13.76 -8.98
C ASP A 131 1.66 13.64 -9.13
N TYR A 132 2.23 12.49 -8.77
CA TYR A 132 3.66 12.28 -8.90
C TYR A 132 4.02 11.49 -10.14
N LYS A 133 3.09 11.35 -11.09
CA LYS A 133 3.45 11.00 -12.46
C LYS A 133 3.93 12.22 -13.24
N SER A 134 3.70 13.43 -12.73
CA SER A 134 4.21 14.65 -13.35
C SER A 134 5.68 14.82 -13.02
N ALA A 135 6.48 15.14 -14.04
CA ALA A 135 7.91 15.39 -13.87
C ALA A 135 8.21 16.72 -13.20
N THR A 136 7.20 17.55 -12.92
N THR A 136 7.19 17.54 -12.97
CA THR A 136 7.41 18.76 -12.14
CA THR A 136 7.34 18.75 -12.17
C THR A 136 6.91 18.61 -10.70
C THR A 136 7.18 18.47 -10.68
N ASN A 137 6.44 17.42 -10.32
CA ASN A 137 6.33 17.02 -8.93
C ASN A 137 7.42 16.02 -8.56
N ASN A 138 7.66 15.06 -9.43
CA ASN A 138 8.57 13.94 -9.19
C ASN A 138 9.93 14.26 -9.81
N ALA A 139 10.96 14.34 -8.98
CA ALA A 139 12.29 14.64 -9.48
C ALA A 139 13.01 13.44 -10.07
N ILE A 140 12.42 12.24 -9.99
CA ILE A 140 13.09 11.01 -10.40
C ILE A 140 12.38 10.44 -11.61
N CYS A 141 12.42 11.17 -12.72
N CYS A 141 12.43 11.18 -12.72
CA CYS A 141 11.81 10.72 -13.96
CA CYS A 141 11.83 10.79 -13.97
C CYS A 141 12.79 10.61 -15.12
C CYS A 141 12.85 10.47 -15.06
N ASN A 142 14.03 11.09 -14.99
CA ASN A 142 15.02 11.03 -16.05
C ASN A 142 16.16 10.07 -15.76
N THR A 143 15.92 9.07 -14.90
CA THR A 143 16.92 8.07 -14.57
C THR A 143 16.82 6.83 -15.46
N ASN A 144 15.98 6.87 -16.49
CA ASN A 144 15.77 5.73 -17.37
C ASN A 144 15.40 6.28 -18.75
N PRO A 145 15.65 5.50 -19.82
CA PRO A 145 15.38 6.01 -21.17
C PRO A 145 13.91 6.21 -21.47
N TYR A 146 13.00 5.75 -20.61
CA TYR A 146 11.57 5.87 -20.86
C TYR A 146 10.98 7.15 -20.30
N ASN A 147 11.77 7.97 -19.59
CA ASN A 147 11.27 9.15 -18.88
C ASN A 147 10.15 8.79 -17.90
N GLU A 148 10.18 7.56 -17.36
CA GLU A 148 9.14 7.10 -16.46
C GLU A 148 9.50 7.53 -15.04
N CYS A 149 8.59 8.25 -14.40
CA CYS A 149 8.79 8.66 -13.01
C CYS A 149 8.78 7.45 -12.10
N ARG A 150 9.69 7.44 -11.13
CA ARG A 150 9.89 6.31 -10.24
C ARG A 150 9.18 6.53 -8.91
N ASP A 151 8.79 5.42 -8.28
CA ASP A 151 8.07 5.49 -7.00
C ASP A 151 8.90 6.21 -5.94
N VAL A 152 10.20 5.96 -5.90
N VAL A 152 10.20 5.95 -5.89
CA VAL A 152 11.05 6.54 -4.86
CA VAL A 152 11.04 6.56 -4.85
C VAL A 152 11.04 8.07 -4.92
C VAL A 152 11.00 8.08 -4.91
N GLY A 153 10.67 8.65 -6.07
CA GLY A 153 10.54 10.09 -6.16
C GLY A 153 9.48 10.68 -5.26
N MET A 154 8.54 9.86 -4.79
CA MET A 154 7.52 10.32 -3.85
C MET A 154 8.07 10.57 -2.45
N LEU A 155 9.28 10.10 -2.15
CA LEU A 155 9.89 10.36 -0.85
C LEU A 155 10.53 11.73 -0.75
N VAL A 156 10.75 12.39 -1.88
CA VAL A 156 11.43 13.69 -1.88
C VAL A 156 10.51 14.75 -1.28
N GLY A 157 11.04 15.52 -0.34
CA GLY A 157 10.31 16.64 0.23
C GLY A 157 9.23 16.29 1.21
N LEU A 158 9.06 15.00 1.56
CA LEU A 158 8.07 14.66 2.59
C LEU A 158 8.39 15.36 3.90
N ASP A 159 9.65 15.72 4.13
CA ASP A 159 10.02 16.47 5.33
C ASP A 159 9.33 17.83 5.37
N ASP A 160 9.07 18.43 4.22
CA ASP A 160 8.30 19.68 4.18
C ASP A 160 6.89 19.47 4.71
N PHE A 161 6.29 18.33 4.37
CA PHE A 161 4.97 18.01 4.89
C PHE A 161 5.01 17.80 6.40
N VAL A 162 6.00 17.05 6.88
CA VAL A 162 6.14 16.81 8.32
C VAL A 162 6.32 18.14 9.05
N ALA A 163 7.18 19.00 8.53
CA ALA A 163 7.41 20.29 9.16
C ALA A 163 6.17 21.18 9.13
N ALA A 164 5.36 21.08 8.07
CA ALA A 164 4.13 21.86 7.99
C ALA A 164 3.04 21.31 8.91
N ASN A 165 3.19 20.08 9.41
CA ASN A 165 2.23 19.46 10.30
C ASN A 165 2.88 19.04 11.62
N ASN A 166 3.88 19.81 12.05
CA ASN A 166 4.68 19.48 13.22
C ASN A 166 3.80 19.22 14.44
N GLY A 167 3.93 18.03 15.01
CA GLY A 167 3.21 17.68 16.22
C GLY A 167 1.84 17.09 16.02
N LYS A 168 1.41 16.89 14.78
CA LYS A 168 0.13 16.26 14.48
C LYS A 168 0.35 14.82 14.04
N ASP A 169 -0.72 14.02 14.16
CA ASP A 169 -0.72 12.72 13.53
C ASP A 169 -0.79 12.89 12.01
N MET A 170 -0.10 11.99 11.30
CA MET A 170 0.02 12.08 9.86
C MET A 170 -0.08 10.69 9.24
N LEU A 171 -0.83 10.59 8.15
CA LEU A 171 -0.92 9.37 7.34
C LEU A 171 -0.62 9.72 5.89
N ILE A 172 0.41 9.09 5.33
CA ILE A 172 0.86 9.38 3.98
C ILE A 172 0.65 8.14 3.12
N MET A 173 -0.20 8.27 2.10
CA MET A 173 -0.42 7.20 1.13
C MET A 173 0.49 7.45 -0.06
N LEU A 174 1.25 6.43 -0.45
CA LEU A 174 2.14 6.48 -1.61
C LEU A 174 1.67 5.42 -2.58
N HIS A 175 1.08 5.85 -3.69
CA HIS A 175 0.47 4.94 -4.65
C HIS A 175 1.49 4.57 -5.72
N GLN A 176 1.86 3.29 -5.76
CA GLN A 176 2.98 2.82 -6.56
C GLN A 176 2.60 2.62 -8.03
N MET A 177 3.55 2.92 -8.91
CA MET A 177 3.53 2.29 -10.23
C MET A 177 3.80 0.80 -10.12
N GLY A 178 4.76 0.42 -9.29
CA GLY A 178 4.98 -0.97 -8.93
C GLY A 178 5.20 -1.86 -10.13
N ASN A 179 4.56 -3.03 -10.11
CA ASN A 179 4.77 -4.06 -11.12
C ASN A 179 3.75 -3.99 -12.26
N HIS A 180 3.25 -2.80 -12.58
CA HIS A 180 2.31 -2.64 -13.68
C HIS A 180 2.89 -3.21 -14.97
N GLY A 181 2.08 -3.97 -15.69
CA GLY A 181 2.47 -4.54 -16.97
C GLY A 181 1.69 -3.97 -18.13
N PRO A 182 1.92 -4.49 -19.35
CA PRO A 182 2.77 -5.64 -19.68
C PRO A 182 4.29 -5.37 -19.71
N ALA A 183 4.68 -4.10 -19.76
CA ALA A 183 6.08 -3.75 -19.94
C ALA A 183 6.79 -3.68 -18.58
N TYR A 184 6.92 -4.86 -17.96
CA TYR A 184 7.60 -4.95 -16.68
C TYR A 184 9.03 -4.42 -16.75
N PHE A 185 9.67 -4.57 -17.91
CA PHE A 185 11.07 -4.15 -18.06
C PHE A 185 11.22 -2.64 -17.90
N LYS A 186 10.15 -1.87 -18.05
CA LYS A 186 10.23 -0.42 -17.88
C LYS A 186 10.10 0.02 -16.43
N ARG A 187 9.67 -0.87 -15.54
CA ARG A 187 9.27 -0.50 -14.19
C ARG A 187 10.45 -0.29 -13.24
N TYR A 188 11.68 -0.53 -13.67
CA TYR A 188 12.83 -0.45 -12.77
C TYR A 188 14.03 0.16 -13.51
N ASP A 189 14.89 0.82 -12.75
CA ASP A 189 16.13 1.35 -13.30
C ASP A 189 17.18 0.24 -13.40
N GLU A 190 18.26 0.55 -14.14
CA GLU A 190 19.26 -0.47 -14.50
C GLU A 190 19.89 -1.12 -13.28
N LYS A 191 19.95 -0.41 -12.15
CA LYS A 191 20.57 -0.97 -10.95
C LYS A 191 19.84 -2.21 -10.44
N PHE A 192 18.59 -2.43 -10.85
CA PHE A 192 17.82 -3.58 -10.40
C PHE A 192 17.67 -4.64 -11.49
N ALA A 193 18.42 -4.53 -12.58
CA ALA A 193 18.42 -5.55 -13.64
C ALA A 193 19.27 -6.74 -13.19
N LYS A 194 18.75 -7.42 -12.17
CA LYS A 194 19.47 -8.51 -11.52
C LYS A 194 19.28 -9.84 -12.22
N PHE A 195 18.05 -10.14 -12.66
CA PHE A 195 17.74 -11.39 -13.32
C PHE A 195 17.68 -11.16 -14.82
N THR A 196 18.46 -11.94 -15.57
CA THR A 196 18.64 -11.76 -16.99
C THR A 196 18.60 -13.13 -17.66
N PRO A 197 18.14 -13.22 -18.92
CA PRO A 197 17.68 -12.16 -19.83
C PRO A 197 16.29 -11.64 -19.49
N VAL A 198 15.91 -10.55 -20.15
CA VAL A 198 14.68 -9.82 -19.82
C VAL A 198 13.87 -9.62 -21.09
N CYS A 199 12.59 -9.97 -21.02
N CYS A 199 12.57 -9.93 -21.02
CA CYS A 199 11.67 -9.67 -22.11
CA CYS A 199 11.66 -9.68 -22.12
C CYS A 199 11.51 -8.16 -22.25
C CYS A 199 11.41 -8.19 -22.27
N GLU A 200 11.70 -7.64 -23.45
CA GLU A 200 11.51 -6.22 -23.72
C GLU A 200 10.48 -5.98 -24.83
N GLY A 201 9.61 -6.97 -25.07
CA GLY A 201 8.52 -6.81 -26.00
C GLY A 201 7.21 -6.51 -25.29
N ASN A 202 6.28 -5.92 -26.04
CA ASN A 202 4.98 -5.56 -25.47
C ASN A 202 3.99 -6.71 -25.47
N GLU A 203 4.21 -7.74 -26.29
CA GLU A 203 3.32 -8.89 -26.40
C GLU A 203 3.91 -10.03 -25.57
N LEU A 204 3.27 -10.32 -24.43
CA LEU A 204 3.90 -11.16 -23.42
C LEU A 204 4.01 -12.62 -23.87
N ALA A 205 2.98 -13.14 -24.54
CA ALA A 205 3.03 -14.53 -24.96
C ALA A 205 4.13 -14.80 -25.99
N LYS A 206 4.66 -13.75 -26.61
CA LYS A 206 5.68 -13.93 -27.64
C LYS A 206 7.09 -14.02 -27.10
N CYS A 207 7.32 -13.55 -25.88
N CYS A 207 7.35 -13.55 -25.89
CA CYS A 207 8.61 -13.66 -25.23
CA CYS A 207 8.70 -13.67 -25.37
C CYS A 207 8.78 -15.04 -24.61
C CYS A 207 8.81 -14.89 -24.46
N GLU A 208 10.03 -15.41 -24.36
CA GLU A 208 10.29 -16.63 -23.61
C GLU A 208 9.91 -16.42 -22.16
N HIS A 209 9.32 -17.46 -21.56
CA HIS A 209 8.68 -17.30 -20.25
C HIS A 209 9.68 -16.85 -19.19
N GLN A 210 10.90 -17.39 -19.22
CA GLN A 210 11.88 -17.04 -18.20
C GLN A 210 12.24 -15.56 -18.26
N SER A 211 12.27 -14.98 -19.47
N SER A 211 12.27 -14.98 -19.46
CA SER A 211 12.61 -13.56 -19.60
CA SER A 211 12.60 -13.57 -19.60
C SER A 211 11.49 -12.68 -19.05
C SER A 211 11.49 -12.67 -19.08
N LEU A 212 10.23 -13.10 -19.22
CA LEU A 212 9.12 -12.35 -18.66
C LEU A 212 9.16 -12.39 -17.13
N ILE A 213 9.43 -13.56 -16.56
CA ILE A 213 9.53 -13.68 -15.11
C ILE A 213 10.69 -12.84 -14.58
N ASN A 214 11.81 -12.82 -15.32
CA ASN A 214 12.97 -12.03 -14.88
C ASN A 214 12.65 -10.55 -14.81
N ALA A 215 11.95 -10.02 -15.83
CA ALA A 215 11.56 -8.62 -15.79
C ALA A 215 10.60 -8.35 -14.63
N TYR A 216 9.65 -9.26 -14.41
CA TYR A 216 8.71 -9.11 -13.30
C TYR A 216 9.45 -9.07 -11.96
N ASP A 217 10.39 -9.99 -11.77
CA ASP A 217 11.11 -10.04 -10.50
C ASP A 217 12.04 -8.84 -10.32
N ASN A 218 12.64 -8.36 -11.40
CA ASN A 218 13.43 -7.14 -11.32
C ASN A 218 12.58 -5.96 -10.87
N ALA A 219 11.35 -5.88 -11.37
CA ALA A 219 10.43 -4.84 -10.91
C ALA A 219 10.17 -4.97 -9.41
N LEU A 220 10.07 -6.20 -8.91
CA LEU A 220 9.88 -6.40 -7.48
C LEU A 220 11.08 -5.88 -6.70
N LEU A 221 12.29 -6.10 -7.21
CA LEU A 221 13.48 -5.58 -6.53
C LEU A 221 13.40 -4.06 -6.34
N ALA A 222 12.91 -3.35 -7.36
CA ALA A 222 12.73 -1.91 -7.23
C ALA A 222 11.68 -1.57 -6.17
N THR A 223 10.67 -2.42 -6.01
CA THR A 223 9.67 -2.20 -4.97
C THR A 223 10.25 -2.48 -3.59
N ASP A 224 11.00 -3.57 -3.45
CA ASP A 224 11.74 -3.83 -2.22
C ASP A 224 12.56 -2.61 -1.82
N ASP A 225 13.26 -2.02 -2.79
CA ASP A 225 14.05 -0.82 -2.54
C ASP A 225 13.17 0.34 -2.09
N PHE A 226 12.03 0.54 -2.77
CA PHE A 226 11.15 1.65 -2.44
C PHE A 226 10.59 1.50 -1.02
N ILE A 227 10.16 0.29 -0.66
CA ILE A 227 9.65 0.05 0.69
C ILE A 227 10.76 0.26 1.72
N ALA A 228 11.95 -0.27 1.44
CA ALA A 228 13.05 -0.15 2.38
C ALA A 228 13.42 1.32 2.61
N GLN A 229 13.44 2.11 1.54
CA GLN A 229 13.79 3.53 1.71
C GLN A 229 12.67 4.30 2.37
N SER A 230 11.41 3.88 2.17
CA SER A 230 10.31 4.46 2.93
C SER A 230 10.51 4.24 4.43
N ILE A 231 10.90 3.02 4.82
CA ILE A 231 11.19 2.74 6.22
C ILE A 231 12.36 3.60 6.70
N GLN A 232 13.40 3.73 5.88
CA GLN A 232 14.54 4.55 6.29
C GLN A 232 14.16 6.01 6.45
N TRP A 233 13.25 6.51 5.61
CA TRP A 233 12.78 7.89 5.81
C TRP A 233 11.98 8.01 7.10
N LEU A 234 11.09 7.05 7.37
CA LEU A 234 10.35 7.06 8.62
C LEU A 234 11.31 7.05 9.81
N GLN A 235 12.38 6.27 9.72
CA GLN A 235 13.30 6.13 10.84
C GLN A 235 13.99 7.45 11.19
N THR A 236 14.12 8.37 10.23
CA THR A 236 14.71 9.66 10.57
C THR A 236 13.80 10.49 11.46
N HIS A 237 12.53 10.12 11.59
CA HIS A 237 11.57 10.85 12.42
C HIS A 237 11.21 10.12 13.71
N SER A 238 11.92 9.03 14.03
CA SER A 238 11.46 8.13 15.08
C SER A 238 11.64 8.69 16.49
N ASN A 239 12.46 9.74 16.66
N ASN A 239 12.50 9.71 16.65
CA ASN A 239 12.64 10.30 17.99
CA ASN A 239 12.65 10.32 17.97
C ASN A 239 11.54 11.27 18.38
C ASN A 239 11.41 11.12 18.35
N ALA A 240 10.86 11.88 17.40
CA ALA A 240 9.70 12.72 17.68
C ALA A 240 8.38 12.02 17.38
N TYR A 241 8.37 11.03 16.51
CA TYR A 241 7.14 10.38 16.08
C TYR A 241 7.21 8.87 16.29
N ASP A 242 6.06 8.28 16.59
CA ASP A 242 5.86 6.83 16.50
C ASP A 242 5.58 6.49 15.04
N VAL A 243 6.51 5.80 14.38
CA VAL A 243 6.45 5.62 12.94
C VAL A 243 6.16 4.17 12.59
N SER A 244 5.37 3.96 11.55
CA SER A 244 5.02 2.63 11.07
C SER A 244 4.80 2.68 9.56
N MET A 245 4.92 1.52 8.92
CA MET A 245 4.76 1.39 7.48
C MET A 245 3.90 0.18 7.18
N LEU A 246 2.84 0.38 6.39
CA LEU A 246 2.02 -0.71 5.89
C LEU A 246 2.12 -0.76 4.36
N TYR A 247 2.31 -1.96 3.83
CA TYR A 247 2.28 -2.21 2.39
C TYR A 247 1.26 -3.28 2.10
N VAL A 248 0.37 -3.01 1.14
CA VAL A 248 -0.55 -4.01 0.60
C VAL A 248 -0.71 -3.74 -0.88
N SER A 249 -0.62 -4.80 -1.70
CA SER A 249 -0.87 -4.67 -3.13
C SER A 249 -2.37 -4.67 -3.41
N ASP A 250 -2.75 -3.95 -4.47
CA ASP A 250 -4.17 -3.88 -4.83
C ASP A 250 -4.67 -5.19 -5.43
N HIS A 251 -3.80 -5.95 -6.09
CA HIS A 251 -4.16 -7.22 -6.71
C HIS A 251 -2.88 -7.90 -7.19
N GLY A 252 -3.03 -9.13 -7.65
CA GLY A 252 -1.93 -9.91 -8.18
C GLY A 252 -1.80 -9.75 -9.68
N GLU A 253 -1.31 -10.81 -10.32
CA GLU A 253 -1.04 -10.76 -11.76
C GLU A 253 -0.96 -12.17 -12.30
N SER A 254 -1.60 -12.41 -13.43
CA SER A 254 -1.40 -13.66 -14.16
C SER A 254 -0.11 -13.57 -14.96
N LEU A 255 0.64 -14.66 -15.00
CA LEU A 255 1.91 -14.72 -15.74
C LEU A 255 1.95 -15.96 -16.63
N GLY A 256 0.91 -16.16 -17.42
CA GLY A 256 0.89 -17.21 -18.42
C GLY A 256 0.15 -18.47 -18.02
N GLU A 257 -0.28 -18.59 -16.77
CA GLU A 257 -1.06 -19.74 -16.36
C GLU A 257 -2.35 -19.83 -17.18
N ASN A 258 -2.56 -20.96 -17.85
CA ASN A 258 -3.70 -21.15 -18.74
C ASN A 258 -3.72 -20.09 -19.86
N GLY A 259 -2.55 -19.63 -20.26
CA GLY A 259 -2.46 -18.60 -21.28
C GLY A 259 -2.97 -17.24 -20.87
N VAL A 260 -3.21 -17.01 -19.58
CA VAL A 260 -3.77 -15.76 -19.08
C VAL A 260 -2.62 -14.84 -18.66
N TYR A 261 -2.74 -13.56 -19.02
CA TYR A 261 -1.77 -12.55 -18.64
C TYR A 261 -2.51 -11.36 -18.03
N LEU A 262 -1.73 -10.50 -17.38
CA LEU A 262 -2.23 -9.26 -16.75
C LEU A 262 -3.25 -9.64 -15.67
N HIS A 263 -4.24 -8.78 -15.44
CA HIS A 263 -5.21 -8.98 -14.37
C HIS A 263 -6.57 -8.41 -14.78
N GLY A 264 -7.34 -7.94 -13.81
CA GLY A 264 -8.60 -7.26 -14.09
C GLY A 264 -9.76 -8.16 -14.44
N MET A 265 -9.65 -9.47 -14.23
N MET A 265 -9.65 -9.47 -14.25
CA MET A 265 -10.76 -10.33 -14.59
CA MET A 265 -10.75 -10.37 -14.54
C MET A 265 -11.80 -10.36 -13.47
C MET A 265 -11.82 -10.27 -13.45
N PRO A 266 -13.08 -10.46 -13.82
CA PRO A 266 -14.14 -10.54 -12.80
C PRO A 266 -13.86 -11.63 -11.79
N ASN A 267 -14.13 -11.33 -10.51
CA ASN A 267 -13.84 -12.29 -9.44
C ASN A 267 -14.47 -13.64 -9.69
N ALA A 268 -15.60 -13.67 -10.39
CA ALA A 268 -16.34 -14.92 -10.59
C ALA A 268 -15.48 -15.98 -11.26
N PHE A 269 -14.54 -15.58 -12.13
CA PHE A 269 -13.71 -16.58 -12.80
C PHE A 269 -12.24 -16.17 -12.87
N ALA A 270 -11.81 -15.20 -12.07
CA ALA A 270 -10.41 -14.81 -12.07
C ALA A 270 -9.57 -15.91 -11.40
N PRO A 271 -8.41 -16.24 -11.96
CA PRO A 271 -7.52 -17.20 -11.29
C PRO A 271 -6.95 -16.61 -10.01
N LYS A 272 -6.57 -17.51 -9.09
CA LYS A 272 -6.10 -17.09 -7.78
C LYS A 272 -4.87 -16.20 -7.87
N GLU A 273 -4.06 -16.35 -8.92
CA GLU A 273 -2.87 -15.52 -9.06
C GLU A 273 -3.19 -14.03 -9.09
N GLN A 274 -4.42 -13.66 -9.47
CA GLN A 274 -4.78 -12.26 -9.51
C GLN A 274 -5.26 -11.72 -8.17
N ARG A 275 -5.50 -12.59 -7.17
CA ARG A 275 -5.98 -12.15 -5.86
C ARG A 275 -4.99 -12.35 -4.72
N SER A 276 -4.00 -13.23 -4.87
N SER A 276 -3.99 -13.22 -4.88
CA SER A 276 -3.03 -13.47 -3.81
CA SER A 276 -3.01 -13.48 -3.83
C SER A 276 -1.99 -12.36 -3.82
C SER A 276 -1.97 -12.35 -3.82
N VAL A 277 -1.97 -11.56 -2.76
CA VAL A 277 -1.11 -10.37 -2.70
C VAL A 277 -0.17 -10.40 -1.49
N PRO A 278 0.99 -9.77 -1.59
CA PRO A 278 1.83 -9.59 -0.41
C PRO A 278 1.30 -8.47 0.47
N ALA A 279 1.64 -8.57 1.75
CA ALA A 279 1.41 -7.51 2.72
C ALA A 279 2.59 -7.47 3.67
N PHE A 280 3.08 -6.26 3.95
CA PHE A 280 4.15 -6.05 4.90
C PHE A 280 3.71 -5.03 5.93
N PHE A 281 4.18 -5.21 7.17
CA PHE A 281 4.00 -4.20 8.20
C PHE A 281 5.31 -4.05 8.97
N TRP A 282 5.75 -2.79 9.11
CA TRP A 282 6.94 -2.46 9.90
C TRP A 282 6.56 -1.40 10.92
N THR A 283 7.18 -1.48 12.09
CA THR A 283 7.00 -0.44 13.09
C THR A 283 8.26 -0.35 13.94
N ASP A 284 8.52 0.85 14.44
CA ASP A 284 9.64 1.06 15.33
C ASP A 284 9.36 0.42 16.70
N LYS A 285 10.41 0.28 17.50
CA LYS A 285 10.28 -0.47 18.76
C LYS A 285 9.39 0.28 19.75
N GLN A 286 9.52 1.60 19.78
CA GLN A 286 8.88 2.44 20.79
C GLN A 286 7.39 2.66 20.55
N THR A 287 6.82 2.08 19.49
CA THR A 287 5.44 2.41 19.14
C THR A 287 4.43 1.63 19.98
N GLY A 288 4.80 0.47 20.50
CA GLY A 288 3.87 -0.36 21.22
C GLY A 288 2.86 -1.09 20.36
N ILE A 289 3.10 -1.17 19.06
N ILE A 289 3.12 -1.20 19.07
CA ILE A 289 2.21 -1.84 18.12
CA ILE A 289 2.23 -1.89 18.13
C ILE A 289 2.72 -3.26 17.92
C ILE A 289 2.75 -3.30 17.94
N THR A 290 1.79 -4.22 17.90
N THR A 290 1.83 -4.27 17.98
CA THR A 290 2.13 -5.64 17.81
CA THR A 290 2.19 -5.67 17.81
C THR A 290 1.47 -6.26 16.59
C THR A 290 1.48 -6.24 16.58
N PRO A 291 2.21 -6.86 15.67
CA PRO A 291 1.59 -7.42 14.47
C PRO A 291 0.86 -8.73 14.75
N MET A 292 -0.11 -9.02 13.90
CA MET A 292 -0.79 -10.31 13.96
C MET A 292 0.15 -11.42 13.48
N ALA A 293 -0.27 -12.66 13.71
CA ALA A 293 0.49 -13.80 13.23
C ALA A 293 0.68 -13.72 11.73
N THR A 294 1.84 -14.17 11.25
N THR A 294 1.86 -14.15 11.27
CA THR A 294 2.17 -14.07 9.83
CA THR A 294 2.17 -14.09 9.85
C THR A 294 1.25 -14.91 8.96
C THR A 294 1.13 -14.83 9.00
N ASP A 295 0.66 -15.97 9.50
CA ASP A 295 -0.24 -16.83 8.75
C ASP A 295 -1.71 -16.53 9.03
N THR A 296 -2.03 -15.37 9.59
CA THR A 296 -3.42 -14.99 9.76
C THR A 296 -4.12 -14.91 8.41
N VAL A 297 -5.30 -15.52 8.32
CA VAL A 297 -6.11 -15.44 7.11
C VAL A 297 -6.62 -14.00 6.99
N LEU A 298 -6.14 -13.27 5.97
CA LEU A 298 -6.39 -11.84 5.87
C LEU A 298 -6.84 -11.47 4.45
N THR A 299 -7.56 -10.35 4.37
CA THR A 299 -8.06 -9.78 3.13
C THR A 299 -7.87 -8.27 3.18
N HIS A 300 -8.29 -7.60 2.09
CA HIS A 300 -8.28 -6.14 2.07
C HIS A 300 -9.15 -5.52 3.15
N ASP A 301 -10.15 -6.26 3.65
CA ASP A 301 -10.97 -5.78 4.75
C ASP A 301 -10.16 -5.46 5.99
N ALA A 302 -8.95 -6.02 6.12
CA ALA A 302 -8.12 -5.76 7.28
C ALA A 302 -7.51 -4.36 7.28
N ILE A 303 -7.53 -3.67 6.14
CA ILE A 303 -6.77 -2.42 6.01
C ILE A 303 -7.41 -1.31 6.84
N THR A 304 -8.72 -1.10 6.68
CA THR A 304 -9.38 -0.02 7.40
C THR A 304 -9.24 -0.14 8.92
N PRO A 305 -9.50 -1.29 9.56
CA PRO A 305 -9.26 -1.37 11.00
C PRO A 305 -7.80 -1.16 11.37
N THR A 306 -6.86 -1.58 10.51
CA THR A 306 -5.45 -1.35 10.80
C THR A 306 -5.14 0.13 10.87
N LEU A 307 -5.56 0.90 9.86
CA LEU A 307 -5.31 2.33 9.86
C LEU A 307 -5.94 2.99 11.09
N LEU A 308 -7.18 2.62 11.41
CA LEU A 308 -7.85 3.17 12.59
C LEU A 308 -7.07 2.86 13.86
N LYS A 309 -6.63 1.60 14.00
N LYS A 309 -6.64 1.60 14.01
CA LYS A 309 -5.87 1.20 15.19
CA LYS A 309 -5.89 1.24 15.22
C LYS A 309 -4.57 1.97 15.32
C LYS A 309 -4.58 2.01 15.32
N LEU A 310 -3.92 2.26 14.19
CA LEU A 310 -2.63 2.96 14.21
C LEU A 310 -2.77 4.36 14.79
N PHE A 311 -3.96 4.95 14.71
CA PHE A 311 -4.18 6.29 15.23
C PHE A 311 -5.12 6.30 16.44
N ASP A 312 -5.33 5.16 17.07
N ASP A 312 -5.29 5.16 17.09
CA ASP A 312 -6.07 5.06 18.33
CA ASP A 312 -6.09 5.05 18.33
C ASP A 312 -7.54 5.46 18.15
C ASP A 312 -7.52 5.51 18.13
N VAL A 313 -8.11 5.13 17.00
CA VAL A 313 -9.50 5.45 16.68
C VAL A 313 -10.33 4.18 16.75
N THR A 314 -11.46 4.26 17.45
N THR A 314 -11.46 4.26 17.44
CA THR A 314 -12.42 3.17 17.54
CA THR A 314 -12.41 3.15 17.53
C THR A 314 -13.63 3.48 16.67
C THR A 314 -13.63 3.47 16.69
N ALA A 315 -14.05 2.51 15.87
CA ALA A 315 -15.24 2.65 15.02
C ALA A 315 -16.08 1.40 15.16
N ASP A 316 -17.36 1.58 15.50
CA ASP A 316 -18.24 0.44 15.76
C ASP A 316 -18.37 -0.45 14.53
N LYS A 317 -18.37 0.15 13.33
CA LYS A 317 -18.62 -0.60 12.11
C LYS A 317 -17.60 -1.72 11.90
N VAL A 318 -16.39 -1.57 12.43
CA VAL A 318 -15.32 -2.52 12.17
C VAL A 318 -14.86 -3.17 13.48
N LYS A 319 -15.76 -3.26 14.46
CA LYS A 319 -15.37 -3.72 15.79
C LYS A 319 -14.97 -5.20 15.80
N ASP A 320 -15.52 -6.00 14.87
CA ASP A 320 -15.26 -7.44 14.84
C ASP A 320 -14.33 -7.84 13.71
N ARG A 321 -13.74 -6.87 13.02
N ARG A 321 -13.67 -6.88 13.05
CA ARG A 321 -12.86 -7.15 11.90
CA ARG A 321 -12.90 -7.18 11.85
C ARG A 321 -11.47 -7.53 12.38
C ARG A 321 -11.42 -7.36 12.16
N THR A 322 -10.85 -8.47 11.68
CA THR A 322 -9.44 -8.75 11.89
C THR A 322 -8.59 -7.69 11.21
N ALA A 323 -7.52 -7.28 11.86
CA ALA A 323 -6.59 -6.30 11.33
C ALA A 323 -5.22 -6.95 11.13
N PHE A 324 -4.27 -6.15 10.64
CA PHE A 324 -2.89 -6.60 10.55
C PHE A 324 -2.14 -6.51 11.87
N ILE A 325 -2.69 -5.81 12.86
CA ILE A 325 -2.02 -5.58 14.14
C ILE A 325 -2.95 -5.94 15.28
N ARG A 326 -2.36 -6.35 16.40
N ARG A 326 -2.35 -6.33 16.40
CA ARG A 326 -3.11 -6.86 17.54
CA ARG A 326 -3.10 -6.84 17.54
C ARG A 326 -3.63 -5.72 18.40
C ARG A 326 -3.61 -5.71 18.43
N LEU A 327 -4.47 -6.08 19.37
CA LEU A 327 -5.05 -5.14 20.32
C LEU A 327 -4.52 -5.29 21.73
N GLU A 328 -3.84 -6.39 22.05
CA GLU A 328 -3.13 -6.51 23.31
C GLU A 328 -1.84 -5.71 23.26
N HIS A 329 -1.38 -5.28 24.43
N HIS A 329 -1.37 -5.29 24.42
CA HIS A 329 -0.17 -4.48 24.57
CA HIS A 329 -0.14 -4.50 24.50
C HIS A 329 0.65 -5.02 25.72
C HIS A 329 0.67 -4.94 25.72
N HIS A 330 1.95 -5.25 25.49
CA HIS A 330 2.85 -5.77 26.50
C HIS A 330 3.79 -4.65 26.95
N HIS A 331 3.65 -4.23 28.21
CA HIS A 331 4.50 -3.18 28.74
C HIS A 331 5.83 -3.77 29.20
CA ETA B . -0.90 1.61 -13.60
N ETA B . -0.78 2.95 -14.15
C ETA B . -2.16 1.44 -12.74
O ETA B . -3.18 2.34 -13.27
ZN ZN C . -3.56 -2.21 -10.07
#